data_9JTL
#
_entry.id   9JTL
#
_cell.length_a   1.00
_cell.length_b   1.00
_cell.length_c   1.00
_cell.angle_alpha   90.00
_cell.angle_beta   90.00
_cell.angle_gamma   90.00
#
_symmetry.space_group_name_H-M   'P 1'
#
loop_
_entity.id
_entity.type
_entity.pdbx_description
1 polymer 'Glucose-6-phosphatase catalytic subunit 1,GS linker-HRV3C-GFP-twin strep'
2 non-polymer O-[(R)-{[(2R)-2,3-bis(octadecanoyloxy)propyl]oxy}(hydroxy)phosphoryl]-L-serine
#
_entity_poly.entity_id   1
_entity_poly.type   'polypeptide(L)'
_entity_poly.pdbx_seq_one_letter_code
;MEEGMNVLHDFGIQSTHYLQVNYQDSQDWFILVSVIADLRNAFYVLFPIWFHLQEAVGIKLLWVAVIGDWLNLVFKWILF
GQRPYWWVLDTDYYSNTSVPLIKQFPVTCETGPGSPSGHAMGTAGVYYVMVTSTLSIFQGKIKPTYRFRCLNVILWLGFW
AVQLNVCLSRIYLAAHFPHQVVAGVLSGIAVAETFSHIHSIYNASLKKYFLITFFLFSFAIGFYLLLKGLGVDLLWTLEK
AQRWCEQPEWVHIDTTPFASLLKNLGTLFGLGLALNSSMYRESCKGKLSKWLPFRLSSIVASLVLLHVFDSLKPPSQVEL
VFYVLSFCKSAVVPLASVSVIPYCLAQVLGQPHKKSLGGSGGGSGGGSGGGSGGGAAALEVLFQGPSKGEELFTGVVPIL
VELDGDVNGHKFSVRGEGEGDATNGKLTLKFICTTGKLPVPWPTLVTTLTYGVQCFSRYPDHMKRHDFFKSAMPEGYVQE
RTISFKDDGTYKTRAEVKFEGDTLVNRIELKGIDFKEDGNILGHKLEYNFNSHNVYITADKQKNGIKANFKIRHNVEDGS
VQLADHYQQNTPIGDGPVLLPDNHYLSTQSVLSKDPNEKRDHMVLLEFVTAAGITHGMDEWSHPQFEKGGGSGGGSGGSA
WSHPQFEK
;
_entity_poly.pdbx_strand_id   A
#
loop_
_chem_comp.id
_chem_comp.type
_chem_comp.name
_chem_comp.formula
P5S non-polymer O-[(R)-{[(2R)-2,3-bis(octadecanoyloxy)propyl]oxy}(hydroxy)phosphoryl]-L-serine 'C42 H82 N O10 P'
#
# COMPACT_ATOMS: atom_id res chain seq x y z
N MET A 1 -36.47 4.82 -1.55
CA MET A 1 -35.86 5.09 -2.84
C MET A 1 -34.43 4.58 -2.91
N GLU A 2 -34.27 3.30 -3.25
CA GLU A 2 -32.96 2.69 -3.43
C GLU A 2 -33.06 1.63 -4.51
N GLU A 3 -32.18 1.73 -5.51
CA GLU A 3 -32.16 0.80 -6.62
C GLU A 3 -30.77 0.20 -6.76
N GLY A 4 -30.71 -1.01 -7.32
CA GLY A 4 -29.46 -1.72 -7.41
C GLY A 4 -28.45 -1.11 -8.36
N MET A 5 -27.17 -1.37 -8.10
CA MET A 5 -26.07 -0.95 -8.97
C MET A 5 -25.63 -2.07 -9.92
N ASN A 6 -26.57 -2.91 -10.32
CA ASN A 6 -26.27 -3.96 -11.28
C ASN A 6 -25.83 -3.40 -12.61
N VAL A 7 -26.18 -2.14 -12.90
CA VAL A 7 -25.68 -1.50 -14.13
C VAL A 7 -24.16 -1.38 -14.07
N LEU A 8 -23.64 -0.84 -12.98
CA LEU A 8 -22.20 -0.74 -12.80
C LEU A 8 -21.56 -2.11 -12.76
N HIS A 9 -22.20 -3.06 -12.08
CA HIS A 9 -21.63 -4.39 -11.97
C HIS A 9 -21.51 -5.07 -13.35
N ASP A 10 -22.56 -4.95 -14.17
CA ASP A 10 -22.52 -5.56 -15.50
C ASP A 10 -21.53 -4.83 -16.40
N PHE A 11 -21.43 -3.52 -16.25
CA PHE A 11 -20.41 -2.78 -17.00
C PHE A 11 -19.01 -3.25 -16.64
N GLY A 12 -18.76 -3.56 -15.38
CA GLY A 12 -17.50 -4.14 -14.97
C GLY A 12 -17.25 -5.53 -15.53
N ILE A 13 -18.28 -6.37 -15.50
CA ILE A 13 -18.13 -7.74 -16.02
C ILE A 13 -17.85 -7.73 -17.52
N GLN A 14 -18.59 -6.90 -18.27
CA GLN A 14 -18.34 -6.82 -19.70
C GLN A 14 -16.96 -6.24 -19.99
N SER A 15 -16.50 -5.30 -19.17
CA SER A 15 -15.15 -4.79 -19.33
C SER A 15 -14.11 -5.90 -19.12
N THR A 16 -14.31 -6.72 -18.09
CA THR A 16 -13.38 -7.82 -17.85
C THR A 16 -13.37 -8.80 -19.01
N HIS A 17 -14.56 -9.13 -19.54
CA HIS A 17 -14.61 -10.05 -20.68
C HIS A 17 -13.96 -9.45 -21.91
N TYR A 18 -14.19 -8.16 -22.16
CA TYR A 18 -13.58 -7.49 -23.30
C TYR A 18 -12.06 -7.51 -23.19
N LEU A 19 -11.53 -7.24 -22.00
CA LEU A 19 -10.08 -7.26 -21.82
C LEU A 19 -9.53 -8.68 -21.96
N GLN A 20 -10.27 -9.68 -21.49
CA GLN A 20 -9.75 -11.05 -21.47
C GLN A 20 -9.81 -11.70 -22.85
N VAL A 21 -10.82 -11.39 -23.65
CA VAL A 21 -11.01 -12.11 -24.91
C VAL A 21 -9.98 -11.74 -25.97
N ASN A 22 -9.39 -10.55 -25.89
CA ASN A 22 -8.43 -10.09 -26.89
C ASN A 22 -6.98 -10.27 -26.45
N TYR A 23 -6.62 -9.72 -25.31
CA TYR A 23 -5.22 -9.73 -24.86
C TYR A 23 -4.94 -11.01 -24.07
N GLN A 24 -4.99 -12.14 -24.78
CA GLN A 24 -4.72 -13.44 -24.19
C GLN A 24 -3.23 -13.77 -24.11
N ASP A 25 -2.37 -12.93 -24.68
CA ASP A 25 -0.92 -13.11 -24.61
C ASP A 25 -0.29 -12.03 -23.73
N SER A 26 -1.01 -11.61 -22.69
CA SER A 26 -0.51 -10.57 -21.80
C SER A 26 -0.77 -10.87 -20.33
N GLN A 27 -1.13 -12.10 -19.97
CA GLN A 27 -1.42 -12.40 -18.57
C GLN A 27 -0.17 -12.26 -17.70
N ASP A 28 0.99 -12.61 -18.24
CA ASP A 28 2.22 -12.50 -17.46
C ASP A 28 2.55 -11.04 -17.15
N TRP A 29 2.38 -10.15 -18.12
CA TRP A 29 2.64 -8.74 -17.88
C TRP A 29 1.72 -8.18 -16.81
N PHE A 30 0.43 -8.52 -16.87
CA PHE A 30 -0.51 -8.00 -15.89
C PHE A 30 -0.25 -8.57 -14.50
N ILE A 31 0.13 -9.84 -14.42
CA ILE A 31 0.51 -10.42 -13.13
C ILE A 31 1.73 -9.69 -12.57
N LEU A 32 2.73 -9.43 -13.42
CA LEU A 32 3.92 -8.73 -12.96
C LEU A 32 3.60 -7.32 -12.49
N VAL A 33 2.72 -6.62 -13.20
CA VAL A 33 2.32 -5.29 -12.76
C VAL A 33 1.59 -5.35 -11.43
N SER A 34 0.72 -6.35 -11.26
CA SER A 34 -0.03 -6.47 -10.01
C SER A 34 0.87 -6.80 -8.83
N VAL A 35 1.96 -7.55 -9.05
CA VAL A 35 2.82 -7.95 -7.94
C VAL A 35 3.85 -6.88 -7.58
N ILE A 36 4.15 -5.95 -8.49
CA ILE A 36 5.07 -4.86 -8.20
C ILE A 36 4.39 -3.74 -7.45
N ALA A 37 3.12 -3.47 -7.75
CA ALA A 37 2.38 -2.39 -7.13
C ALA A 37 2.09 -2.66 -5.66
N ASP A 38 2.53 -3.82 -5.16
CA ASP A 38 2.35 -4.16 -3.76
C ASP A 38 3.06 -3.12 -2.90
N LEU A 39 2.44 -2.81 -1.75
CA LEU A 39 2.96 -1.72 -0.92
C LEU A 39 4.25 -2.09 -0.21
N ARG A 40 4.66 -3.36 -0.20
CA ARG A 40 5.96 -3.70 0.35
C ARG A 40 7.00 -3.38 -0.72
N ASN A 41 6.91 -2.18 -1.27
CA ASN A 41 7.91 -1.61 -2.15
C ASN A 41 8.12 -0.14 -1.89
N ALA A 42 7.41 0.44 -0.91
CA ALA A 42 7.60 1.82 -0.49
C ALA A 42 8.23 1.94 0.87
N PHE A 43 8.22 0.87 1.66
CA PHE A 43 8.94 0.82 2.93
C PHE A 43 10.29 0.14 2.82
N TYR A 44 10.55 -0.57 1.72
CA TYR A 44 11.77 -1.35 1.54
C TYR A 44 12.65 -0.84 0.41
N VAL A 45 12.09 -0.21 -0.61
CA VAL A 45 12.87 0.24 -1.76
C VAL A 45 12.75 1.75 -1.91
N LEU A 46 11.53 2.25 -2.07
CA LEU A 46 11.34 3.66 -2.38
C LEU A 46 11.80 4.57 -1.23
N PHE A 47 11.52 4.19 0.00
CA PHE A 47 11.87 5.06 1.13
C PHE A 47 13.37 5.26 1.28
N PRO A 48 14.22 4.22 1.35
CA PRO A 48 15.66 4.48 1.51
C PRO A 48 16.30 5.20 0.35
N ILE A 49 15.73 5.10 -0.86
CA ILE A 49 16.27 5.84 -1.99
C ILE A 49 15.91 7.33 -1.93
N TRP A 50 14.72 7.67 -1.45
CA TRP A 50 14.30 9.07 -1.39
C TRP A 50 14.69 9.76 -0.09
N PHE A 51 14.86 9.00 1.00
CA PHE A 51 15.19 9.62 2.28
C PHE A 51 16.57 10.28 2.24
N HIS A 52 17.51 9.71 1.50
CA HIS A 52 18.87 10.24 1.46
C HIS A 52 19.07 11.27 0.37
N LEU A 53 18.32 11.20 -0.73
CA LEU A 53 18.37 12.26 -1.72
C LEU A 53 17.84 13.57 -1.15
N GLN A 54 16.74 13.50 -0.40
CA GLN A 54 16.19 14.66 0.30
C GLN A 54 15.34 14.17 1.45
N GLU A 55 15.68 14.59 2.67
CA GLU A 55 15.05 14.02 3.86
C GLU A 55 13.57 14.35 3.98
N ALA A 56 13.11 15.42 3.31
CA ALA A 56 11.71 15.81 3.44
C ALA A 56 10.77 14.92 2.64
N VAL A 57 11.22 14.40 1.50
CA VAL A 57 10.35 13.60 0.64
C VAL A 57 10.06 12.25 1.28
N GLY A 58 11.06 11.63 1.92
CA GLY A 58 10.86 10.31 2.50
C GLY A 58 9.83 10.28 3.61
N ILE A 59 9.88 11.28 4.50
CA ILE A 59 8.92 11.34 5.60
C ILE A 59 7.51 11.52 5.05
N LYS A 60 7.34 12.40 4.07
CA LYS A 60 6.02 12.61 3.48
C LYS A 60 5.51 11.34 2.82
N LEU A 61 6.38 10.64 2.09
CA LEU A 61 5.99 9.39 1.44
C LEU A 61 5.55 8.36 2.47
N LEU A 62 6.32 8.20 3.54
CA LEU A 62 5.97 7.21 4.56
C LEU A 62 4.66 7.56 5.25
N TRP A 63 4.47 8.83 5.59
CA TRP A 63 3.23 9.24 6.25
C TRP A 63 2.03 9.01 5.33
N VAL A 64 2.16 9.34 4.05
CA VAL A 64 1.07 9.13 3.11
C VAL A 64 0.73 7.64 3.00
N ALA A 65 1.76 6.79 2.93
CA ALA A 65 1.50 5.35 2.82
C ALA A 65 0.78 4.83 4.06
N VAL A 66 1.24 5.24 5.25
CA VAL A 66 0.63 4.74 6.49
C VAL A 66 -0.82 5.19 6.60
N ILE A 67 -1.09 6.47 6.32
CA ILE A 67 -2.45 6.97 6.44
C ILE A 67 -3.35 6.33 5.38
N GLY A 68 -2.81 6.08 4.17
CA GLY A 68 -3.59 5.40 3.16
C GLY A 68 -3.97 4.00 3.59
N ASP A 69 -3.04 3.27 4.20
CA ASP A 69 -3.38 1.93 4.71
C ASP A 69 -4.46 1.99 5.78
N TRP A 70 -4.33 2.93 6.72
CA TRP A 70 -5.30 3.03 7.80
C TRP A 70 -6.69 3.32 7.26
N LEU A 71 -6.79 4.29 6.35
CA LEU A 71 -8.09 4.63 5.76
C LEU A 71 -8.63 3.45 4.96
N ASN A 72 -7.76 2.74 4.24
CA ASN A 72 -8.16 1.57 3.48
C ASN A 72 -8.86 0.56 4.39
N LEU A 73 -8.20 0.19 5.49
CA LEU A 73 -8.79 -0.81 6.38
C LEU A 73 -10.10 -0.31 6.98
N VAL A 74 -10.10 0.92 7.50
CA VAL A 74 -11.27 1.42 8.22
C VAL A 74 -12.48 1.47 7.29
N PHE A 75 -12.30 1.99 6.08
CA PHE A 75 -13.43 2.04 5.15
C PHE A 75 -13.76 0.67 4.57
N LYS A 76 -12.80 -0.24 4.51
CA LYS A 76 -13.08 -1.58 4.00
C LYS A 76 -13.98 -2.35 4.94
N TRP A 77 -13.88 -2.10 6.26
CA TRP A 77 -14.75 -2.79 7.20
C TRP A 77 -16.23 -2.52 6.96
N ILE A 78 -16.59 -1.37 6.39
CA ILE A 78 -17.98 -0.91 6.46
C ILE A 78 -18.63 -0.68 5.10
N LEU A 79 -18.10 -1.27 4.04
CA LEU A 79 -18.64 -0.98 2.72
C LEU A 79 -19.29 -2.17 2.02
N PHE A 80 -18.86 -3.41 2.32
CA PHE A 80 -19.49 -4.62 1.79
C PHE A 80 -19.56 -4.61 0.26
N GLY A 81 -18.38 -4.62 -0.36
CA GLY A 81 -18.25 -4.56 -1.81
C GLY A 81 -17.95 -5.93 -2.41
N GLN A 82 -18.48 -6.16 -3.60
CA GLN A 82 -18.33 -7.43 -4.30
C GLN A 82 -17.11 -7.39 -5.22
N ARG A 83 -16.95 -8.41 -6.06
CA ARG A 83 -15.85 -8.55 -6.98
C ARG A 83 -16.35 -9.02 -8.34
N PRO A 84 -15.55 -8.84 -9.41
CA PRO A 84 -15.96 -9.29 -10.74
C PRO A 84 -16.31 -10.77 -10.80
N TYR A 85 -15.36 -11.64 -10.47
CA TYR A 85 -15.73 -13.03 -10.22
C TYR A 85 -16.62 -13.07 -8.98
N TRP A 86 -17.21 -14.23 -8.71
CA TRP A 86 -18.01 -14.37 -7.51
C TRP A 86 -19.30 -13.54 -7.53
N TRP A 87 -19.49 -12.73 -8.56
CA TRP A 87 -20.76 -12.03 -8.73
C TRP A 87 -21.53 -12.47 -9.96
N VAL A 88 -20.87 -13.10 -10.94
CA VAL A 88 -21.58 -13.62 -12.10
C VAL A 88 -22.09 -15.03 -11.86
N LEU A 89 -21.51 -15.78 -10.92
CA LEU A 89 -21.99 -17.10 -10.57
C LEU A 89 -23.01 -17.10 -9.44
N ASP A 90 -23.33 -15.92 -8.89
CA ASP A 90 -24.25 -15.85 -7.75
C ASP A 90 -25.49 -15.03 -8.03
N THR A 91 -25.37 -13.87 -8.66
CA THR A 91 -26.52 -13.02 -8.86
C THR A 91 -27.46 -13.61 -9.92
N ASP A 92 -28.72 -13.18 -9.87
CA ASP A 92 -29.74 -13.61 -10.81
C ASP A 92 -30.01 -12.58 -11.88
N TYR A 93 -29.08 -11.63 -12.07
CA TYR A 93 -29.27 -10.60 -13.09
C TYR A 93 -29.33 -11.21 -14.49
N TYR A 94 -28.49 -12.21 -14.74
CA TYR A 94 -28.53 -12.96 -16.01
C TYR A 94 -29.35 -14.24 -15.85
N SER A 95 -30.60 -14.06 -15.41
CA SER A 95 -31.50 -15.21 -15.26
C SER A 95 -32.34 -15.42 -16.51
N ASN A 96 -32.94 -14.36 -17.04
CA ASN A 96 -33.66 -14.42 -18.29
C ASN A 96 -32.79 -14.09 -19.50
N THR A 97 -31.49 -13.88 -19.28
CA THR A 97 -30.54 -13.53 -20.33
C THR A 97 -29.39 -14.54 -20.31
N SER A 98 -28.35 -14.24 -21.09
CA SER A 98 -27.18 -15.11 -21.20
C SER A 98 -26.09 -14.68 -20.22
N VAL A 99 -25.30 -15.66 -19.79
CA VAL A 99 -24.25 -15.44 -18.79
C VAL A 99 -22.91 -15.41 -19.52
N PRO A 100 -22.13 -14.33 -19.40
CA PRO A 100 -20.79 -14.31 -20.01
C PRO A 100 -19.85 -15.34 -19.39
N LEU A 101 -18.65 -15.47 -19.93
CA LEU A 101 -17.67 -16.45 -19.48
C LEU A 101 -16.49 -15.72 -18.86
N ILE A 102 -16.16 -16.06 -17.62
CA ILE A 102 -15.03 -15.49 -16.91
C ILE A 102 -14.10 -16.62 -16.49
N LYS A 103 -12.82 -16.48 -16.79
CA LYS A 103 -11.81 -17.46 -16.41
C LYS A 103 -11.03 -16.94 -15.21
N GLN A 104 -10.67 -17.85 -14.31
CA GLN A 104 -10.05 -17.51 -13.04
C GLN A 104 -8.57 -17.83 -13.08
N PHE A 105 -7.74 -16.86 -12.71
CA PHE A 105 -6.30 -17.05 -12.61
C PHE A 105 -5.91 -17.33 -11.16
N PRO A 106 -4.76 -17.94 -10.93
CA PRO A 106 -4.36 -18.24 -9.53
C PRO A 106 -4.26 -17.00 -8.66
N VAL A 107 -3.85 -15.86 -9.21
CA VAL A 107 -3.80 -14.63 -8.45
C VAL A 107 -5.20 -14.15 -8.06
N THR A 108 -6.23 -14.63 -8.75
CA THR A 108 -7.60 -14.27 -8.45
C THR A 108 -8.04 -15.08 -7.23
N CYS A 109 -9.35 -15.10 -6.93
CA CYS A 109 -9.90 -15.75 -5.74
C CYS A 109 -9.39 -15.08 -4.47
N GLU A 110 -9.54 -13.76 -4.39
CA GLU A 110 -9.25 -13.03 -3.18
C GLU A 110 -10.29 -13.33 -2.11
N THR A 111 -9.91 -13.17 -0.84
CA THR A 111 -10.83 -13.58 0.25
C THR A 111 -11.40 -12.41 1.01
N GLY A 112 -11.12 -11.17 0.63
CA GLY A 112 -11.58 -10.03 1.40
C GLY A 112 -12.46 -9.08 0.60
N PRO A 113 -13.22 -8.26 1.30
CA PRO A 113 -14.04 -7.25 0.62
C PRO A 113 -13.17 -6.29 -0.17
N GLY A 114 -13.64 -5.91 -1.36
CA GLY A 114 -12.84 -5.12 -2.26
C GLY A 114 -13.41 -3.78 -2.63
N SER A 115 -13.94 -3.05 -1.66
CA SER A 115 -14.54 -1.75 -1.99
C SER A 115 -13.45 -0.73 -2.28
N PRO A 116 -12.48 -0.48 -1.39
CA PRO A 116 -11.35 0.37 -1.78
C PRO A 116 -10.23 -0.46 -2.38
N SER A 117 -9.76 -0.05 -3.55
CA SER A 117 -8.66 -0.74 -4.22
C SER A 117 -7.37 -0.37 -3.50
N GLY A 118 -6.85 -1.30 -2.70
CA GLY A 118 -5.66 -0.99 -1.91
C GLY A 118 -4.44 -0.73 -2.77
N HIS A 119 -4.23 -1.56 -3.79
CA HIS A 119 -3.08 -1.38 -4.67
C HIS A 119 -3.13 -0.02 -5.36
N ALA A 120 -4.28 0.33 -5.95
CA ALA A 120 -4.39 1.58 -6.68
C ALA A 120 -4.23 2.78 -5.75
N MET A 121 -4.87 2.74 -4.57
CA MET A 121 -4.79 3.87 -3.65
C MET A 121 -3.37 4.07 -3.15
N GLY A 122 -2.71 2.99 -2.74
CA GLY A 122 -1.33 3.10 -2.30
C GLY A 122 -0.40 3.59 -3.39
N THR A 123 -0.57 3.07 -4.61
CA THR A 123 0.28 3.48 -5.72
C THR A 123 0.09 4.95 -6.04
N ALA A 124 -1.15 5.43 -6.06
CA ALA A 124 -1.39 6.84 -6.32
C ALA A 124 -0.79 7.71 -5.23
N GLY A 125 -1.04 7.36 -3.97
CA GLY A 125 -0.54 8.18 -2.87
C GLY A 125 0.98 8.19 -2.79
N VAL A 126 1.63 7.15 -3.29
CA VAL A 126 3.10 7.10 -3.25
C VAL A 126 3.71 7.76 -4.48
N TYR A 127 3.06 7.69 -5.65
CA TYR A 127 3.66 8.23 -6.85
C TYR A 127 3.38 9.71 -7.04
N TYR A 128 2.24 10.21 -6.57
CA TYR A 128 1.97 11.64 -6.68
C TYR A 128 3.02 12.43 -5.92
N VAL A 129 3.41 11.95 -4.74
CA VAL A 129 4.43 12.63 -3.94
C VAL A 129 5.75 12.69 -4.69
N MET A 130 6.17 11.57 -5.29
CA MET A 130 7.44 11.55 -6.00
C MET A 130 7.42 12.51 -7.18
N VAL A 131 6.34 12.48 -7.96
CA VAL A 131 6.26 13.34 -9.14
C VAL A 131 6.27 14.82 -8.74
N THR A 132 5.44 15.19 -7.77
CA THR A 132 5.36 16.59 -7.37
C THR A 132 6.67 17.06 -6.74
N SER A 133 7.30 16.22 -5.91
CA SER A 133 8.57 16.61 -5.29
C SER A 133 9.66 16.81 -6.34
N THR A 134 9.74 15.90 -7.32
CA THR A 134 10.73 16.06 -8.37
C THR A 134 10.48 17.33 -9.18
N LEU A 135 9.21 17.61 -9.49
CA LEU A 135 8.88 18.84 -10.22
C LEU A 135 9.26 20.08 -9.42
N SER A 136 8.99 20.08 -8.12
CA SER A 136 9.36 21.22 -7.28
C SER A 136 10.87 21.39 -7.21
N ILE A 137 11.61 20.29 -7.09
CA ILE A 137 13.06 20.38 -6.95
C ILE A 137 13.68 20.90 -8.24
N PHE A 138 13.25 20.36 -9.39
CA PHE A 138 13.85 20.77 -10.65
C PHE A 138 13.27 22.08 -11.15
N GLN A 139 13.29 23.12 -10.30
CA GLN A 139 12.85 24.45 -10.67
C GLN A 139 14.01 25.39 -10.96
N GLY A 140 15.25 24.99 -10.66
CA GLY A 140 16.39 25.84 -10.88
C GLY A 140 16.84 25.97 -12.32
N LYS A 141 16.30 25.15 -13.22
CA LYS A 141 16.68 25.22 -14.62
C LYS A 141 16.08 26.45 -15.29
N ARG A 147 9.87 25.52 -22.89
CA ARG A 147 11.19 25.11 -22.46
C ARG A 147 11.11 24.30 -21.18
N PHE A 148 10.02 24.48 -20.44
CA PHE A 148 9.73 23.69 -19.25
C PHE A 148 8.54 22.78 -19.44
N ARG A 149 7.91 22.79 -20.62
CA ARG A 149 6.80 21.90 -20.92
C ARG A 149 7.26 20.60 -21.56
N CYS A 150 8.50 20.18 -21.29
CA CYS A 150 8.99 18.87 -21.71
C CYS A 150 9.10 17.92 -20.52
N LEU A 151 9.87 18.29 -19.49
CA LEU A 151 10.00 17.44 -18.32
C LEU A 151 8.66 17.30 -17.60
N ASN A 152 7.90 18.39 -17.53
CA ASN A 152 6.58 18.34 -16.89
C ASN A 152 5.69 17.32 -17.58
N VAL A 153 5.60 17.38 -18.91
CA VAL A 153 4.69 16.50 -19.63
C VAL A 153 5.20 15.06 -19.56
N ILE A 154 6.51 14.84 -19.63
CA ILE A 154 7.04 13.49 -19.53
C ILE A 154 6.67 12.88 -18.17
N LEU A 155 6.87 13.64 -17.10
CA LEU A 155 6.57 13.12 -15.76
C LEU A 155 5.08 12.82 -15.60
N TRP A 156 4.21 13.72 -16.06
CA TRP A 156 2.79 13.50 -15.85
C TRP A 156 2.26 12.36 -16.71
N LEU A 157 2.73 12.25 -17.96
CA LEU A 157 2.34 11.11 -18.77
C LEU A 157 2.83 9.80 -18.17
N GLY A 158 4.03 9.79 -17.60
CA GLY A 158 4.50 8.58 -16.93
C GLY A 158 3.62 8.20 -15.75
N PHE A 159 3.26 9.19 -14.92
CA PHE A 159 2.41 8.92 -13.77
C PHE A 159 1.06 8.36 -14.20
N TRP A 160 0.44 8.99 -15.20
CA TRP A 160 -0.87 8.52 -15.64
C TRP A 160 -0.80 7.16 -16.32
N ALA A 161 0.30 6.88 -17.02
CA ALA A 161 0.48 5.55 -17.59
C ALA A 161 0.59 4.49 -16.50
N VAL A 162 1.32 4.79 -15.42
CA VAL A 162 1.41 3.85 -14.31
C VAL A 162 0.03 3.59 -13.71
N GLN A 163 -0.74 4.66 -13.49
CA GLN A 163 -2.07 4.48 -12.91
C GLN A 163 -2.97 3.65 -13.82
N LEU A 164 -2.94 3.94 -15.13
CA LEU A 164 -3.77 3.19 -16.06
C LEU A 164 -3.37 1.72 -16.11
N ASN A 165 -2.07 1.43 -16.09
CA ASN A 165 -1.62 0.05 -16.09
C ASN A 165 -2.07 -0.68 -14.83
N VAL A 166 -1.99 -0.01 -13.67
CA VAL A 166 -2.43 -0.65 -12.43
C VAL A 166 -3.93 -0.96 -12.49
N CYS A 167 -4.73 0.00 -12.96
CA CYS A 167 -6.17 -0.23 -13.05
C CYS A 167 -6.49 -1.36 -14.03
N LEU A 168 -5.83 -1.38 -15.18
CA LEU A 168 -6.08 -2.46 -16.15
C LEU A 168 -5.67 -3.81 -15.59
N SER A 169 -4.56 -3.86 -14.85
CA SER A 169 -4.14 -5.11 -14.24
C SER A 169 -5.18 -5.61 -13.23
N ARG A 170 -5.73 -4.71 -12.43
CA ARG A 170 -6.74 -5.15 -11.46
C ARG A 170 -8.02 -5.61 -12.16
N ILE A 171 -8.43 -4.93 -13.23
CA ILE A 171 -9.65 -5.34 -13.92
C ILE A 171 -9.48 -6.65 -14.66
N TYR A 172 -8.32 -6.85 -15.30
CA TYR A 172 -8.14 -8.00 -16.17
C TYR A 172 -8.15 -9.32 -15.41
N LEU A 173 -7.70 -9.31 -14.16
CA LEU A 173 -7.64 -10.52 -13.34
C LEU A 173 -8.96 -10.84 -12.65
N ALA A 174 -10.01 -10.05 -12.92
CA ALA A 174 -11.32 -10.22 -12.31
C ALA A 174 -11.24 -10.16 -10.79
N ALA A 175 -10.70 -9.05 -10.29
CA ALA A 175 -10.57 -8.82 -8.86
C ALA A 175 -11.19 -7.53 -8.37
N HIS A 176 -11.41 -6.54 -9.23
CA HIS A 176 -12.12 -5.32 -8.79
C HIS A 176 -12.83 -4.70 -9.98
N PHE A 177 -13.94 -4.02 -9.72
CA PHE A 177 -14.70 -3.31 -10.74
C PHE A 177 -14.02 -1.99 -11.07
N PRO A 178 -14.31 -1.41 -12.25
CA PRO A 178 -13.67 -0.14 -12.60
C PRO A 178 -13.94 0.99 -11.64
N HIS A 179 -15.16 1.09 -11.09
CA HIS A 179 -15.46 2.20 -10.21
C HIS A 179 -14.70 2.10 -8.90
N GLN A 180 -14.47 0.88 -8.40
CA GLN A 180 -13.71 0.71 -7.17
C GLN A 180 -12.29 1.25 -7.34
N VAL A 181 -11.61 0.88 -8.42
CA VAL A 181 -10.24 1.33 -8.62
C VAL A 181 -10.19 2.83 -8.94
N VAL A 182 -11.19 3.35 -9.65
CA VAL A 182 -11.21 4.79 -9.91
C VAL A 182 -11.34 5.56 -8.60
N ALA A 183 -12.26 5.13 -7.73
CA ALA A 183 -12.42 5.78 -6.44
C ALA A 183 -11.18 5.65 -5.58
N GLY A 184 -10.52 4.50 -5.62
CA GLY A 184 -9.28 4.34 -4.88
C GLY A 184 -8.18 5.28 -5.36
N VAL A 185 -8.03 5.41 -6.67
CA VAL A 185 -7.02 6.32 -7.21
C VAL A 185 -7.32 7.76 -6.79
N LEU A 186 -8.58 8.18 -6.90
CA LEU A 186 -8.94 9.53 -6.50
C LEU A 186 -8.71 9.76 -5.01
N SER A 187 -9.05 8.80 -4.16
CA SER A 187 -8.82 8.97 -2.72
C SER A 187 -7.34 9.04 -2.39
N GLY A 188 -6.52 8.23 -3.06
CA GLY A 188 -5.08 8.31 -2.84
C GLY A 188 -4.52 9.66 -3.24
N ILE A 189 -4.96 10.19 -4.39
CA ILE A 189 -4.53 11.52 -4.79
C ILE A 189 -4.96 12.55 -3.75
N ALA A 190 -6.18 12.41 -3.22
CA ALA A 190 -6.67 13.34 -2.22
C ALA A 190 -5.82 13.31 -0.96
N VAL A 191 -5.45 12.11 -0.49
CA VAL A 191 -4.69 12.01 0.76
C VAL A 191 -3.28 12.57 0.56
N ALA A 192 -2.67 12.30 -0.60
CA ALA A 192 -1.36 12.88 -0.87
C ALA A 192 -1.44 14.41 -0.92
N GLU A 193 -2.48 14.93 -1.59
CA GLU A 193 -2.62 16.38 -1.71
C GLU A 193 -2.82 17.03 -0.35
N THR A 194 -3.64 16.42 0.52
CA THR A 194 -3.90 17.03 1.82
C THR A 194 -2.75 16.86 2.79
N PHE A 195 -1.90 15.84 2.61
CA PHE A 195 -0.66 15.78 3.39
C PHE A 195 0.45 16.66 2.83
N SER A 196 0.31 17.15 1.60
CA SER A 196 1.30 18.06 1.06
C SER A 196 1.33 19.41 1.77
N HIS A 197 0.34 19.71 2.61
CA HIS A 197 0.26 21.01 3.27
C HIS A 197 0.36 20.95 4.79
N ILE A 198 0.27 19.77 5.39
CA ILE A 198 0.40 19.64 6.85
C ILE A 198 1.89 19.68 7.18
N HIS A 199 2.35 20.78 7.77
CA HIS A 199 3.77 21.01 7.98
C HIS A 199 4.21 20.75 9.42
N SER A 200 3.34 20.17 10.25
CA SER A 200 3.70 19.83 11.61
C SER A 200 4.27 18.42 11.73
N ILE A 201 4.31 17.66 10.63
CA ILE A 201 4.83 16.29 10.69
C ILE A 201 6.35 16.30 10.78
N TYR A 202 6.99 17.38 10.36
CA TYR A 202 8.44 17.49 10.48
C TYR A 202 8.81 17.86 11.92
N ASN A 203 10.08 17.58 12.25
CA ASN A 203 10.71 17.87 13.55
C ASN A 203 9.72 17.68 14.72
N ALA A 204 9.07 16.52 14.71
CA ALA A 204 8.03 16.21 15.67
C ALA A 204 8.62 15.53 16.90
N SER A 205 8.06 15.85 18.07
CA SER A 205 8.55 15.30 19.32
C SER A 205 8.26 13.82 19.43
N LEU A 206 9.09 13.11 20.20
CA LEU A 206 8.88 11.68 20.41
C LEU A 206 7.59 11.41 21.16
N LYS A 207 7.17 12.32 22.03
CA LYS A 207 5.91 12.12 22.74
C LYS A 207 4.72 12.20 21.77
N LYS A 208 4.80 13.08 20.78
CA LYS A 208 3.69 13.24 19.84
C LYS A 208 3.47 11.98 19.00
N TYR A 209 4.57 11.36 18.54
CA TYR A 209 4.44 10.14 17.74
C TYR A 209 3.76 9.04 18.54
N PHE A 210 4.13 8.88 19.81
CA PHE A 210 3.50 7.87 20.66
C PHE A 210 2.01 8.13 20.79
N LEU A 211 1.62 9.39 21.00
CA LEU A 211 0.21 9.72 21.15
C LEU A 211 -0.55 9.44 19.86
N ILE A 212 0.03 9.79 18.71
CA ILE A 212 -0.65 9.54 17.44
C ILE A 212 -0.84 8.04 17.22
N THR A 213 0.21 7.26 17.45
CA THR A 213 0.11 5.81 17.26
C THR A 213 -0.92 5.21 18.21
N PHE A 214 -0.90 5.63 19.48
CA PHE A 214 -1.87 5.15 20.45
C PHE A 214 -3.29 5.50 20.02
N PHE A 215 -3.49 6.71 19.52
CA PHE A 215 -4.83 7.09 19.09
C PHE A 215 -5.30 6.23 17.93
N LEU A 216 -4.43 5.99 16.96
CA LEU A 216 -4.81 5.18 15.81
C LEU A 216 -5.19 3.76 16.25
N PHE A 217 -4.36 3.16 17.10
CA PHE A 217 -4.64 1.81 17.58
C PHE A 217 -5.94 1.76 18.37
N SER A 218 -6.13 2.73 19.28
CA SER A 218 -7.33 2.75 20.12
C SER A 218 -8.59 2.95 19.28
N PHE A 219 -8.54 3.87 18.32
CA PHE A 219 -9.70 4.11 17.47
C PHE A 219 -10.02 2.88 16.64
N ALA A 220 -9.00 2.21 16.09
CA ALA A 220 -9.25 1.01 15.30
C ALA A 220 -9.92 -0.06 16.15
N ILE A 221 -9.41 -0.31 17.36
CA ILE A 221 -9.99 -1.36 18.20
C ILE A 221 -11.41 -0.98 18.63
N GLY A 222 -11.61 0.28 19.01
CA GLY A 222 -12.94 0.71 19.41
C GLY A 222 -13.97 0.58 18.31
N PHE A 223 -13.59 0.95 17.09
CA PHE A 223 -14.49 0.81 15.95
C PHE A 223 -14.79 -0.66 15.66
N TYR A 224 -13.75 -1.50 15.71
CA TYR A 224 -13.94 -2.93 15.47
C TYR A 224 -14.90 -3.54 16.47
N LEU A 225 -14.82 -3.11 17.74
CA LEU A 225 -15.75 -3.63 18.74
C LEU A 225 -17.15 -3.05 18.58
N LEU A 226 -17.25 -1.76 18.24
CA LEU A 226 -18.57 -1.14 18.10
C LEU A 226 -19.38 -1.81 17.00
N LEU A 227 -18.76 -2.07 15.84
CA LEU A 227 -19.50 -2.76 14.78
C LEU A 227 -19.94 -4.16 15.21
N LYS A 228 -19.13 -4.87 15.98
CA LYS A 228 -19.57 -6.16 16.49
C LYS A 228 -20.68 -6.01 17.51
N GLY A 229 -20.78 -4.86 18.16
CA GLY A 229 -21.78 -4.61 19.18
C GLY A 229 -23.14 -4.19 18.67
N LEU A 230 -23.34 -4.12 17.36
CA LEU A 230 -24.62 -3.76 16.77
C LEU A 230 -25.29 -4.89 16.03
N GLY A 231 -24.53 -5.78 15.41
CA GLY A 231 -25.12 -6.82 14.60
C GLY A 231 -24.60 -6.78 13.18
N VAL A 232 -23.40 -6.25 13.00
CA VAL A 232 -22.76 -6.18 11.69
C VAL A 232 -21.88 -7.41 11.52
N ASP A 233 -22.07 -8.12 10.40
CA ASP A 233 -21.28 -9.30 10.09
C ASP A 233 -20.01 -8.92 9.34
N LEU A 234 -18.88 -9.44 9.79
CA LEU A 234 -17.56 -9.13 9.24
C LEU A 234 -16.89 -10.36 8.62
N LEU A 235 -17.64 -11.44 8.40
CA LEU A 235 -17.07 -12.68 7.89
C LEU A 235 -17.85 -13.22 6.70
N TRP A 236 -18.64 -12.37 6.04
CA TRP A 236 -19.44 -12.83 4.90
C TRP A 236 -18.57 -13.17 3.70
N THR A 237 -17.35 -12.64 3.64
CA THR A 237 -16.52 -12.84 2.46
C THR A 237 -15.93 -14.24 2.41
N LEU A 238 -15.85 -14.92 3.55
CA LEU A 238 -15.13 -16.19 3.60
C LEU A 238 -15.90 -17.32 2.91
N GLU A 239 -17.11 -17.61 3.39
CA GLU A 239 -17.85 -18.77 2.89
C GLU A 239 -18.21 -18.61 1.41
N LYS A 240 -18.58 -17.41 1.00
CA LYS A 240 -18.97 -17.19 -0.39
C LYS A 240 -17.76 -17.30 -1.31
N ALA A 241 -16.61 -16.77 -0.90
CA ALA A 241 -15.40 -16.95 -1.69
C ALA A 241 -15.01 -18.41 -1.79
N GLN A 242 -15.18 -19.16 -0.70
CA GLN A 242 -14.90 -20.59 -0.74
C GLN A 242 -15.83 -21.31 -1.72
N ARG A 243 -17.11 -20.97 -1.70
CA ARG A 243 -18.07 -21.72 -2.53
C ARG A 243 -17.90 -21.40 -4.00
N TRP A 244 -17.60 -20.15 -4.36
CA TRP A 244 -17.54 -19.77 -5.77
C TRP A 244 -16.13 -19.67 -6.32
N CYS A 245 -15.10 -20.09 -5.57
CA CYS A 245 -13.77 -20.18 -6.13
C CYS A 245 -13.59 -21.53 -6.83
N GLU A 246 -12.97 -21.49 -8.01
CA GLU A 246 -12.91 -22.68 -8.86
C GLU A 246 -12.05 -23.79 -8.27
N GLN A 247 -11.08 -23.46 -7.41
CA GLN A 247 -10.28 -24.49 -6.76
C GLN A 247 -10.01 -24.12 -5.31
N PRO A 248 -10.35 -25.00 -4.36
CA PRO A 248 -10.07 -24.70 -2.94
C PRO A 248 -8.60 -24.52 -2.64
N GLU A 249 -7.71 -25.13 -3.42
CA GLU A 249 -6.27 -24.97 -3.18
C GLU A 249 -5.83 -23.52 -3.41
N TRP A 250 -6.44 -22.83 -4.37
CA TRP A 250 -6.08 -21.44 -4.64
C TRP A 250 -6.45 -20.52 -3.49
N VAL A 251 -7.46 -20.87 -2.70
CA VAL A 251 -7.90 -20.00 -1.62
C VAL A 251 -6.82 -19.92 -0.54
N HIS A 252 -6.67 -18.74 0.06
CA HIS A 252 -5.61 -18.46 1.01
C HIS A 252 -6.14 -17.98 2.35
N ILE A 253 -7.09 -18.72 2.93
CA ILE A 253 -7.72 -18.40 4.21
C ILE A 253 -6.70 -17.88 5.22
N ASP A 254 -6.99 -16.72 5.82
CA ASP A 254 -6.13 -16.13 6.82
C ASP A 254 -6.92 -15.85 8.08
N THR A 255 -6.24 -15.97 9.23
CA THR A 255 -6.87 -15.86 10.54
C THR A 255 -6.30 -14.70 11.35
N THR A 256 -6.01 -13.59 10.68
CA THR A 256 -5.46 -12.40 11.34
C THR A 256 -6.38 -11.21 11.12
N PRO A 257 -7.26 -10.89 12.07
CA PRO A 257 -8.07 -9.67 11.94
C PRO A 257 -7.25 -8.39 12.00
N PHE A 258 -6.07 -8.41 12.61
CA PHE A 258 -5.21 -7.25 12.75
C PHE A 258 -3.84 -7.62 12.18
N ALA A 259 -3.68 -7.48 10.86
CA ALA A 259 -2.47 -7.88 10.18
C ALA A 259 -1.65 -6.71 9.68
N SER A 260 -2.24 -5.82 8.89
CA SER A 260 -1.52 -4.66 8.38
C SER A 260 -1.57 -3.47 9.32
N LEU A 261 -2.57 -3.41 10.21
CA LEU A 261 -2.66 -2.32 11.17
C LEU A 261 -1.40 -2.21 12.01
N LEU A 262 -1.00 -3.33 12.63
CA LEU A 262 0.18 -3.30 13.48
C LEU A 262 1.45 -3.06 12.67
N LYS A 263 1.51 -3.53 11.43
CA LYS A 263 2.68 -3.27 10.60
C LYS A 263 2.83 -1.77 10.32
N ASN A 264 1.74 -1.11 9.95
CA ASN A 264 1.80 0.32 9.69
C ASN A 264 2.14 1.10 10.96
N LEU A 265 1.53 0.73 12.09
CA LEU A 265 1.82 1.42 13.34
C LEU A 265 3.28 1.22 13.75
N GLY A 266 3.81 0.01 13.53
CA GLY A 266 5.21 -0.22 13.83
C GLY A 266 6.13 0.61 12.96
N THR A 267 5.80 0.74 11.67
CA THR A 267 6.60 1.58 10.79
C THR A 267 6.60 3.02 11.28
N LEU A 268 5.42 3.54 11.66
CA LEU A 268 5.34 4.92 12.13
C LEU A 268 6.15 5.12 13.41
N PHE A 269 6.01 4.20 14.37
CA PHE A 269 6.74 4.31 15.63
C PHE A 269 8.24 4.20 15.41
N GLY A 270 8.66 3.30 14.52
CA GLY A 270 10.08 3.19 14.23
C GLY A 270 10.64 4.44 13.59
N LEU A 271 9.88 5.05 12.68
CA LEU A 271 10.33 6.31 12.10
C LEU A 271 10.47 7.40 13.16
N GLY A 272 9.49 7.48 14.07
CA GLY A 272 9.59 8.48 15.13
C GLY A 272 10.81 8.27 16.02
N LEU A 273 11.03 7.02 16.44
CA LEU A 273 12.18 6.72 17.29
C LEU A 273 13.49 7.01 16.57
N ALA A 274 13.59 6.64 15.29
CA ALA A 274 14.82 6.88 14.55
C ALA A 274 15.08 8.36 14.37
N LEU A 275 14.04 9.14 14.09
CA LEU A 275 14.23 10.59 13.90
C LEU A 275 14.64 11.27 15.20
N ASN A 276 14.05 10.88 16.32
CA ASN A 276 14.30 11.58 17.58
C ASN A 276 15.41 10.95 18.40
N SER A 277 16.10 9.93 17.89
CA SER A 277 17.19 9.29 18.61
C SER A 277 18.49 10.03 18.36
N SER A 278 19.35 10.04 19.39
CA SER A 278 20.59 10.82 19.32
C SER A 278 21.54 10.27 18.27
N MET A 279 21.51 8.95 18.04
CA MET A 279 22.44 8.33 17.11
C MET A 279 22.24 8.83 15.69
N TYR A 280 21.00 9.16 15.32
CA TYR A 280 20.75 9.70 13.98
C TYR A 280 21.37 11.08 13.83
N ARG A 281 21.45 11.85 14.92
CA ARG A 281 21.93 13.23 14.83
C ARG A 281 23.39 13.29 14.40
N GLU A 282 24.22 12.38 14.90
CA GLU A 282 25.64 12.37 14.56
C GLU A 282 25.93 11.54 13.31
N SER A 283 25.02 10.66 12.90
CA SER A 283 25.23 9.80 11.74
C SER A 283 24.83 10.47 10.44
N CYS A 284 23.61 10.99 10.34
CA CYS A 284 23.13 11.62 9.12
C CYS A 284 23.20 13.14 9.14
N LYS A 285 23.31 13.76 10.33
CA LYS A 285 23.52 15.19 10.44
C LYS A 285 24.92 15.52 10.93
N GLY A 286 25.88 14.63 10.69
CA GLY A 286 27.21 14.77 11.24
C GLY A 286 27.99 15.91 10.63
N LYS A 287 29.28 15.95 10.96
CA LYS A 287 30.17 16.98 10.48
C LYS A 287 30.89 16.47 9.23
N LEU A 288 30.63 17.11 8.10
CA LEU A 288 31.29 16.80 6.83
C LEU A 288 31.12 15.33 6.45
N SER A 289 29.88 14.86 6.46
CA SER A 289 29.57 13.52 6.01
C SER A 289 28.39 13.46 5.03
N LYS A 290 27.99 14.65 4.55
CA LYS A 290 26.88 14.77 3.57
C LYS A 290 27.45 14.99 2.15
N TRP A 291 28.56 14.32 1.80
CA TRP A 291 29.02 14.33 0.42
C TRP A 291 28.46 13.12 -0.32
N LEU A 292 28.09 13.36 -1.59
CA LEU A 292 27.14 12.50 -2.28
C LEU A 292 27.52 11.02 -2.34
N PRO A 293 28.78 10.64 -2.60
CA PRO A 293 29.11 9.21 -2.63
C PRO A 293 28.76 8.48 -1.33
N PHE A 294 28.88 9.14 -0.19
CA PHE A 294 28.46 8.52 1.06
C PHE A 294 26.98 8.21 1.05
N ARG A 295 26.17 9.15 0.55
CA ARG A 295 24.73 8.93 0.47
C ARG A 295 24.41 7.77 -0.47
N LEU A 296 25.10 7.70 -1.61
CA LEU A 296 24.86 6.59 -2.54
C LEU A 296 25.23 5.25 -1.91
N SER A 297 26.36 5.21 -1.21
CA SER A 297 26.78 3.97 -0.55
C SER A 297 25.77 3.57 0.53
N SER A 298 25.26 4.56 1.29
CA SER A 298 24.27 4.26 2.31
C SER A 298 23.00 3.70 1.69
N ILE A 299 22.57 4.29 0.56
CA ILE A 299 21.38 3.79 -0.12
C ILE A 299 21.56 2.34 -0.55
N VAL A 300 22.71 2.05 -1.17
CA VAL A 300 22.96 0.70 -1.67
C VAL A 300 22.99 -0.31 -0.52
N ALA A 301 23.72 0.04 0.54
CA ALA A 301 23.82 -0.87 1.69
C ALA A 301 22.47 -1.10 2.35
N SER A 302 21.68 -0.04 2.52
CA SER A 302 20.37 -0.18 3.12
C SER A 302 19.49 -1.10 2.27
N LEU A 303 19.49 -0.88 0.95
CA LEU A 303 18.67 -1.72 0.07
C LEU A 303 19.07 -3.18 0.18
N VAL A 304 20.36 -3.47 0.10
CA VAL A 304 20.82 -4.86 0.10
C VAL A 304 20.47 -5.52 1.43
N LEU A 305 20.79 -4.86 2.54
CA LEU A 305 20.57 -5.47 3.84
C LEU A 305 19.08 -5.65 4.12
N LEU A 306 18.24 -4.69 3.74
CA LEU A 306 16.80 -4.85 3.95
C LEU A 306 16.25 -5.98 3.09
N HIS A 307 16.72 -6.11 1.86
CA HIS A 307 16.26 -7.20 1.00
C HIS A 307 16.64 -8.55 1.60
N VAL A 308 17.85 -8.67 2.14
CA VAL A 308 18.23 -9.93 2.78
C VAL A 308 17.41 -10.16 4.04
N PHE A 309 17.15 -9.08 4.81
CA PHE A 309 16.49 -9.19 6.10
C PHE A 309 15.00 -9.48 5.98
N ASP A 310 14.38 -9.18 4.84
CA ASP A 310 12.96 -9.46 4.66
C ASP A 310 12.64 -10.95 4.62
N SER A 311 13.64 -11.82 4.46
CA SER A 311 13.40 -13.24 4.24
C SER A 311 13.21 -13.99 5.56
N LEU A 312 12.25 -13.51 6.36
CA LEU A 312 11.89 -14.14 7.62
C LEU A 312 10.38 -14.19 7.74
N LYS A 313 9.90 -15.12 8.57
CA LYS A 313 8.48 -15.28 8.83
C LYS A 313 8.27 -15.51 10.32
N PRO A 314 7.36 -14.76 10.94
CA PRO A 314 7.07 -14.98 12.36
C PRO A 314 6.32 -16.29 12.58
N PRO A 315 6.44 -16.88 13.77
CA PRO A 315 5.75 -18.16 14.04
C PRO A 315 4.25 -17.93 14.23
N SER A 316 3.45 -18.68 13.50
CA SER A 316 1.99 -18.57 13.55
C SER A 316 1.34 -19.53 14.52
N GLN A 317 2.12 -20.36 15.21
CA GLN A 317 1.54 -21.26 16.21
C GLN A 317 0.89 -20.50 17.35
N VAL A 318 1.33 -19.26 17.60
CA VAL A 318 0.69 -18.37 18.56
C VAL A 318 0.39 -17.06 17.84
N GLU A 319 -0.77 -16.47 18.14
CA GLU A 319 -1.20 -15.26 17.46
C GLU A 319 -0.56 -14.00 18.05
N LEU A 320 -0.53 -13.90 19.38
CA LEU A 320 0.01 -12.69 20.01
C LEU A 320 1.49 -12.52 19.69
N VAL A 321 2.25 -13.62 19.71
CA VAL A 321 3.67 -13.53 19.38
C VAL A 321 3.85 -13.14 17.93
N PHE A 322 2.98 -13.65 17.05
CA PHE A 322 3.03 -13.26 15.64
C PHE A 322 2.82 -11.76 15.48
N TYR A 323 1.82 -11.22 16.16
CA TYR A 323 1.56 -9.78 16.08
C TYR A 323 2.73 -8.97 16.62
N VAL A 324 3.27 -9.38 17.78
CA VAL A 324 4.36 -8.62 18.39
C VAL A 324 5.60 -8.64 17.50
N LEU A 325 5.94 -9.81 16.96
CA LEU A 325 7.12 -9.90 16.11
C LEU A 325 6.93 -9.15 14.79
N SER A 326 5.73 -9.18 14.22
CA SER A 326 5.47 -8.38 13.02
C SER A 326 5.61 -6.90 13.30
N PHE A 327 5.08 -6.44 14.44
CA PHE A 327 5.23 -5.04 14.82
C PHE A 327 6.70 -4.68 14.99
N CYS A 328 7.48 -5.55 15.64
CA CYS A 328 8.89 -5.26 15.86
C CYS A 328 9.65 -5.21 14.52
N LYS A 329 9.34 -6.12 13.60
CA LYS A 329 9.99 -6.09 12.29
C LYS A 329 9.64 -4.82 11.53
N SER A 330 8.36 -4.44 11.54
CA SER A 330 7.94 -3.22 10.86
C SER A 330 8.57 -1.99 11.50
N ALA A 331 8.87 -2.05 12.80
CA ALA A 331 9.58 -0.94 13.44
C ALA A 331 11.05 -0.93 13.07
N VAL A 332 11.66 -2.11 12.91
CA VAL A 332 13.06 -2.18 12.53
C VAL A 332 13.27 -1.67 11.11
N VAL A 333 12.26 -1.83 10.24
CA VAL A 333 12.42 -1.42 8.84
C VAL A 333 12.88 0.05 8.71
N PRO A 334 12.28 1.02 9.40
CA PRO A 334 12.84 2.39 9.36
C PRO A 334 13.87 2.70 10.43
N LEU A 335 14.02 1.86 11.45
CA LEU A 335 14.97 2.10 12.52
C LEU A 335 16.37 1.61 12.18
N ALA A 336 16.53 0.82 11.11
CA ALA A 336 17.82 0.31 10.72
C ALA A 336 18.30 0.85 9.37
N SER A 337 17.59 1.82 8.79
CA SER A 337 17.96 2.37 7.50
C SER A 337 18.37 3.83 7.55
N VAL A 338 18.19 4.50 8.69
CA VAL A 338 18.53 5.91 8.80
C VAL A 338 19.42 6.14 10.02
N SER A 339 19.51 5.14 10.89
CA SER A 339 20.21 5.30 12.17
C SER A 339 21.46 4.45 12.28
N VAL A 340 21.36 3.14 12.10
CA VAL A 340 22.49 2.26 12.43
C VAL A 340 23.42 2.06 11.24
N ILE A 341 22.89 1.87 10.04
CA ILE A 341 23.74 1.69 8.86
C ILE A 341 24.52 2.96 8.54
N PRO A 342 23.91 4.16 8.53
CA PRO A 342 24.73 5.36 8.33
C PRO A 342 25.80 5.56 9.38
N TYR A 343 25.52 5.23 10.64
CA TYR A 343 26.56 5.35 11.68
C TYR A 343 27.68 4.34 11.46
N CYS A 344 27.33 3.11 11.07
CA CYS A 344 28.36 2.13 10.79
C CYS A 344 29.22 2.57 9.61
N LEU A 345 28.61 3.13 8.58
CA LEU A 345 29.39 3.61 7.43
C LEU A 345 30.26 4.80 7.81
N ALA A 346 29.77 5.68 8.69
CA ALA A 346 30.59 6.78 9.18
C ALA A 346 31.79 6.26 9.96
N GLN A 347 31.58 5.26 10.82
CA GLN A 347 32.70 4.66 11.54
C GLN A 347 33.68 3.98 10.59
N VAL A 348 33.17 3.35 9.53
CA VAL A 348 34.06 2.80 8.51
C VAL A 348 34.89 3.91 7.87
N LEU A 349 34.25 5.05 7.60
CA LEU A 349 34.98 6.23 7.18
C LEU A 349 35.98 6.68 8.23
N GLY A 350 35.77 6.32 9.49
CA GLY A 350 36.79 6.56 10.50
C GLY A 350 38.07 5.78 10.22
N GLN A 351 37.93 4.51 9.86
CA GLN A 351 39.01 3.69 9.30
C GLN A 351 38.46 2.39 8.74
C P5S B . 6.67 -11.09 0.72
N P5S B . 7.21 -12.20 -1.38
O P5S B . 5.62 -11.79 0.86
C1 P5S B . 10.14 -7.85 -6.04
C2 P5S B . 9.45 -7.44 -4.73
C3 P5S B . 7.92 -7.47 -4.92
CA P5S B . 7.69 -11.25 -0.40
CB P5S B . 7.93 -9.90 -1.09
OG P5S B . 7.75 -10.00 -2.47
P12 P5S B . 6.66 -9.01 -3.24
O13 P5S B . 5.41 -8.86 -2.51
O15 P5S B . 6.18 -9.66 -4.44
O16 P5S B . 7.33 -7.56 -3.65
C17 P5S B . 11.48 -5.90 -6.26
O18 P5S B . 11.80 -5.21 -5.35
O19 P5S B . 11.45 -7.30 -6.07
C20 P5S B . 11.09 -5.29 -7.63
C21 P5S B . 10.28 -3.98 -7.50
C22 P5S B . 11.23 -2.78 -7.28
C23 P5S B . 10.58 -1.49 -7.83
C24 P5S B . 9.36 -1.09 -7.00
C25 P5S B . 8.87 0.28 -7.46
C26 P5S B . 7.82 0.84 -6.49
C27 P5S B . 6.48 0.12 -6.66
OXT P5S B . 6.73 -10.27 1.67
#